data_6H2G
#
_entry.id   6H2G
#
_cell.length_a   39.398
_cell.length_b   41.314
_cell.length_c   76.222
_cell.angle_alpha   75.67
_cell.angle_beta   89.96
_cell.angle_gamma   89.26
#
_symmetry.space_group_name_H-M   'P 1'
#
loop_
_entity.id
_entity.type
_entity.pdbx_description
1 polymer Beta-lactamase
2 non-polymer '3-oxidanylidenepropanoic acid'
3 non-polymer 'ACETATE ION'
4 water water
#
_entity_poly.entity_id   1
_entity_poly.type   'polypeptide(L)'
_entity_poly.pdbx_seq_one_letter_code
;MDLADRFAELERRYDARLGVYVPATGTTAAIEYRADERFAFCSTFKAPLVAAVLHQNPLTHLDKLITYTSDDIRSISPVA
QQHVQTGMTIGQLCDAAIRYSDGTAANLLLADLGGPGGGTAAFTGYLRSLGDTVSRLDAEEPELNRDPPGDERDTTTPHA
IALVLQQLVLGNALPPDKRALLTDWMARNTTGAKRIRAGFPADWKVIDKTGTGDYGRANDIAVVWSPTGVPYVVAVMSDR
AGGGYDAEPREALLAEAATCVAGVLALEHHHHHH
;
_entity_poly.pdbx_strand_id   A,B
#
loop_
_chem_comp.id
_chem_comp.type
_chem_comp.name
_chem_comp.formula
ACT non-polymer 'ACETATE ION' 'C2 H3 O2 -1'
FK2 non-polymer '3-oxidanylidenepropanoic acid' 'C3 H4 O3'
#
# COMPACT_ATOMS: atom_id res chain seq x y z
N MET A 1 -28.28 16.28 12.04
CA MET A 1 -27.53 16.68 13.27
C MET A 1 -26.12 16.14 13.04
N ASP A 2 -25.83 14.90 13.41
CA ASP A 2 -24.51 14.31 13.24
C ASP A 2 -24.53 12.79 13.01
N LEU A 3 -23.54 12.31 12.25
CA LEU A 3 -23.52 11.09 11.42
C LEU A 3 -24.24 9.83 11.91
N ALA A 4 -24.27 9.59 13.22
CA ALA A 4 -25.04 8.49 13.79
C ALA A 4 -26.56 8.73 13.57
N ASP A 5 -27.00 10.00 13.65
CA ASP A 5 -28.37 10.39 13.36
C ASP A 5 -28.77 10.19 11.90
N ARG A 6 -27.89 10.62 10.99
CA ARG A 6 -28.08 10.38 9.55
C ARG A 6 -28.34 8.92 9.31
N PHE A 7 -27.48 8.07 9.90
CA PHE A 7 -27.61 6.63 9.72
C PHE A 7 -28.87 6.10 10.35
N ALA A 8 -29.27 6.63 11.52
CA ALA A 8 -30.56 6.26 12.18
C ALA A 8 -31.82 6.53 11.33
N GLU A 9 -31.79 7.64 10.60
CA GLU A 9 -32.90 8.01 9.70
C GLU A 9 -32.99 7.05 8.50
N LEU A 10 -31.84 6.65 7.96
CA LEU A 10 -31.79 5.72 6.83
C LEU A 10 -32.53 4.45 7.18
N GLU A 11 -32.24 3.94 8.37
CA GLU A 11 -32.91 2.74 8.92
C GLU A 11 -34.43 2.93 9.08
N ARG A 12 -34.81 4.03 9.74
CA ARG A 12 -36.23 4.37 9.94
C ARG A 12 -37.01 4.39 8.63
N ARG A 13 -36.38 4.89 7.57
CA ARG A 13 -37.02 5.12 6.27
C ARG A 13 -37.05 3.87 5.42
N TYR A 14 -35.96 3.12 5.40
CA TYR A 14 -35.95 1.87 4.65
C TYR A 14 -36.57 0.67 5.43
N ASP A 15 -36.90 0.89 6.71
CA ASP A 15 -37.30 -0.20 7.61
C ASP A 15 -36.27 -1.32 7.51
N ALA A 16 -35.08 -0.99 7.99
CA ALA A 16 -33.89 -1.79 7.76
C ALA A 16 -32.92 -1.55 8.86
N ARG A 17 -32.04 -2.51 9.06
CA ARG A 17 -30.93 -2.39 10.02
C ARG A 17 -29.67 -2.13 9.19
N LEU A 18 -28.82 -1.26 9.71
CA LEU A 18 -27.69 -0.72 8.96
C LEU A 18 -26.43 -1.00 9.73
N GLY A 19 -25.44 -1.56 9.05
CA GLY A 19 -24.10 -1.73 9.58
C GLY A 19 -23.16 -0.99 8.66
N VAL A 20 -22.40 -0.05 9.21
CA VAL A 20 -21.34 0.64 8.47
C VAL A 20 -20.04 0.57 9.25
N TYR A 21 -18.94 0.36 8.54
CA TYR A 21 -17.63 0.57 9.11
C TYR A 21 -16.58 1.03 8.11
N VAL A 22 -15.90 2.13 8.46
CA VAL A 22 -14.70 2.60 7.80
C VAL A 22 -13.56 2.77 8.82
N PRO A 23 -12.42 2.03 8.66
CA PRO A 23 -11.24 2.27 9.51
C PRO A 23 -10.69 3.73 9.46
N ALA A 24 -10.10 4.17 10.57
CA ALA A 24 -9.35 5.42 10.60
C ALA A 24 -8.06 5.25 9.80
N THR A 25 -7.57 6.39 9.30
CA THR A 25 -6.31 6.47 8.57
C THR A 25 -5.46 7.49 9.33
N GLY A 26 -4.35 7.93 8.72
CA GLY A 26 -3.61 9.09 9.19
C GLY A 26 -4.53 10.26 9.53
N THR A 27 -5.18 10.82 8.52
CA THR A 27 -5.96 12.06 8.68
C THR A 27 -7.45 11.92 9.09
N THR A 28 -8.04 10.71 8.93
CA THR A 28 -9.48 10.53 9.17
C THR A 28 -9.80 9.72 10.41
N ALA A 29 -10.95 10.02 11.01
CA ALA A 29 -11.48 9.27 12.15
C ALA A 29 -12.38 8.11 11.66
N ALA A 30 -12.41 7.01 12.39
CA ALA A 30 -13.16 5.84 11.95
C ALA A 30 -14.66 6.09 12.03
N ILE A 31 -15.37 5.67 11.00
CA ILE A 31 -16.81 5.72 10.95
C ILE A 31 -17.32 4.31 11.26
N GLU A 32 -18.19 4.22 12.28
CA GLU A 32 -18.70 2.94 12.77
C GLU A 32 -20.18 3.13 13.10
N TYR A 33 -21.02 2.22 12.59
CA TYR A 33 -22.42 2.19 12.94
C TYR A 33 -22.91 0.74 12.93
N ARG A 34 -23.22 0.21 14.11
CA ARG A 34 -23.46 -1.23 14.34
C ARG A 34 -22.35 -2.09 13.75
N ALA A 35 -21.12 -1.63 13.90
CA ALA A 35 -19.98 -2.23 13.22
C ALA A 35 -19.58 -3.54 13.88
N ASP A 36 -19.83 -3.67 15.18
CA ASP A 36 -19.65 -4.93 15.93
C ASP A 36 -20.92 -5.83 15.96
N GLU A 37 -21.91 -5.60 15.09
CA GLU A 37 -23.09 -6.46 14.98
C GLU A 37 -22.91 -7.46 13.87
N ARG A 38 -23.52 -8.63 14.04
CA ARG A 38 -23.42 -9.72 13.04
C ARG A 38 -24.35 -9.52 11.87
N PHE A 39 -23.80 -9.52 10.69
CA PHE A 39 -24.57 -9.37 9.49
C PHE A 39 -24.26 -10.54 8.61
N ALA A 40 -25.30 -11.12 8.02
CA ALA A 40 -25.13 -12.15 7.00
C ALA A 40 -24.08 -11.82 5.96
N PHE A 41 -23.08 -12.68 5.79
CA PHE A 41 -22.11 -12.57 4.70
C PHE A 41 -22.77 -12.38 3.31
N CYS A 42 -23.68 -13.31 2.99
CA CYS A 42 -24.19 -13.46 1.64
C CYS A 42 -22.96 -13.53 0.75
N SER A 43 -23.01 -13.06 -0.49
CA SER A 43 -21.94 -13.33 -1.41
C SER A 43 -20.60 -12.59 -1.15
N THR A 44 -20.51 -11.80 -0.07
CA THR A 44 -19.29 -11.00 0.26
C THR A 44 -18.12 -11.86 0.71
N PHE A 45 -18.42 -13.11 1.14
CA PHE A 45 -17.39 -14.10 1.51
C PHE A 45 -16.47 -14.50 0.33
N LYS A 46 -17.01 -14.40 -0.89
CA LYS A 46 -16.26 -14.74 -2.09
C LYS A 46 -14.97 -13.94 -2.28
N ALA A 47 -14.88 -12.74 -1.72
CA ALA A 47 -13.64 -11.94 -1.86
C ALA A 47 -12.50 -12.57 -1.06
N PRO A 48 -12.66 -12.63 0.27
CA PRO A 48 -11.61 -13.33 1.03
C PRO A 48 -11.45 -14.83 0.65
N LEU A 49 -12.55 -15.53 0.32
CA LEU A 49 -12.46 -16.89 -0.26
C LEU A 49 -11.40 -16.98 -1.39
N VAL A 50 -11.39 -16.02 -2.29
CA VAL A 50 -10.43 -16.03 -3.38
C VAL A 50 -8.99 -15.71 -2.92
N ALA A 51 -8.86 -14.87 -1.90
CA ALA A 51 -7.57 -14.68 -1.25
C ALA A 51 -7.03 -16.00 -0.72
N ALA A 52 -7.87 -16.75 0.00
CA ALA A 52 -7.48 -18.08 0.54
C ALA A 52 -7.01 -19.00 -0.55
N VAL A 53 -7.84 -19.19 -1.57
CA VAL A 53 -7.50 -20.04 -2.71
C VAL A 53 -6.24 -19.55 -3.46
N LEU A 54 -5.97 -18.25 -3.43
CA LEU A 54 -4.73 -17.68 -4.00
C LEU A 54 -3.53 -17.84 -3.10
N HIS A 55 -3.67 -17.45 -1.83
CA HIS A 55 -2.58 -17.53 -0.84
C HIS A 55 -2.03 -18.95 -0.63
N GLN A 56 -2.94 -19.93 -0.60
CA GLN A 56 -2.62 -21.34 -0.35
C GLN A 56 -2.22 -22.11 -1.64
N ASN A 57 -1.88 -21.42 -2.73
CA ASN A 57 -1.60 -22.06 -4.01
C ASN A 57 -0.71 -21.20 -4.90
N PRO A 58 0.16 -21.85 -5.69
CA PRO A 58 0.88 -21.09 -6.73
C PRO A 58 -0.02 -20.55 -7.88
N LEU A 59 0.31 -19.37 -8.44
CA LEU A 59 -0.32 -18.78 -9.67
C LEU A 59 -0.62 -19.82 -10.77
N THR A 60 0.31 -20.76 -10.94
CA THR A 60 0.16 -21.93 -11.82
C THR A 60 -1.22 -22.69 -11.63
N HIS A 61 -1.67 -22.80 -10.36
CA HIS A 61 -2.94 -23.46 -9.95
C HIS A 61 -4.23 -22.81 -10.47
N LEU A 62 -4.16 -21.53 -10.86
CA LEU A 62 -5.29 -20.87 -11.55
C LEU A 62 -5.68 -21.50 -12.90
N ASP A 63 -4.75 -22.22 -13.53
CA ASP A 63 -5.00 -22.95 -14.79
C ASP A 63 -5.50 -24.42 -14.58
N LYS A 64 -5.90 -24.79 -13.37
CA LYS A 64 -6.43 -26.13 -13.13
C LYS A 64 -7.89 -26.26 -13.52
N LEU A 65 -8.21 -27.17 -14.43
CA LEU A 65 -9.58 -27.38 -14.91
C LEU A 65 -10.45 -28.17 -13.92
N ILE A 66 -11.49 -27.55 -13.39
CA ILE A 66 -12.49 -28.20 -12.51
C ILE A 66 -13.68 -28.52 -13.38
N THR A 67 -14.02 -29.81 -13.52
CA THR A 67 -15.22 -30.21 -14.26
C THR A 67 -16.35 -30.44 -13.26
N TYR A 68 -17.53 -29.92 -13.55
CA TYR A 68 -18.69 -29.98 -12.63
C TYR A 68 -19.89 -30.33 -13.50
N THR A 69 -21.09 -30.37 -12.92
CA THR A 69 -22.29 -30.76 -13.68
C THR A 69 -23.43 -29.86 -13.29
N SER A 70 -24.54 -30.02 -13.99
CA SER A 70 -25.79 -29.34 -13.65
C SER A 70 -26.34 -29.87 -12.33
N ASP A 71 -25.89 -31.06 -11.93
CA ASP A 71 -26.17 -31.58 -10.59
C ASP A 71 -25.63 -30.59 -9.51
N ASP A 72 -24.49 -29.98 -9.80
CA ASP A 72 -23.85 -29.07 -8.88
C ASP A 72 -24.58 -27.73 -8.72
N ILE A 73 -25.16 -27.23 -9.81
CA ILE A 73 -25.70 -25.87 -9.84
C ILE A 73 -27.03 -25.81 -9.06
N ARG A 74 -26.93 -25.37 -7.82
CA ARG A 74 -28.08 -25.24 -6.88
C ARG A 74 -28.30 -23.79 -6.42
N SER A 75 -27.64 -22.84 -7.09
CA SER A 75 -27.74 -21.40 -6.75
C SER A 75 -27.57 -20.53 -7.99
N ILE A 76 -27.81 -19.22 -7.83
CA ILE A 76 -27.59 -18.26 -8.95
C ILE A 76 -26.13 -18.33 -9.48
N SER A 77 -26.01 -18.79 -10.73
CA SER A 77 -24.74 -19.15 -11.29
C SER A 77 -24.65 -18.67 -12.73
N PRO A 78 -24.62 -17.33 -12.92
CA PRO A 78 -24.55 -16.74 -14.27
C PRO A 78 -23.49 -17.39 -15.16
N VAL A 79 -22.25 -17.50 -14.65
CA VAL A 79 -21.12 -17.94 -15.48
C VAL A 79 -21.01 -19.45 -15.52
N ALA A 80 -21.12 -20.08 -14.35
CA ALA A 80 -21.00 -21.51 -14.22
C ALA A 80 -21.90 -22.24 -15.20
N GLN A 81 -23.17 -21.84 -15.24
CA GLN A 81 -24.18 -22.32 -16.21
C GLN A 81 -23.65 -22.38 -17.66
N GLN A 82 -22.92 -21.36 -18.08
CA GLN A 82 -22.36 -21.26 -19.43
C GLN A 82 -21.20 -22.21 -19.70
N HIS A 83 -20.54 -22.68 -18.65
CA HIS A 83 -19.28 -23.44 -18.78
C HIS A 83 -19.42 -24.85 -18.19
N VAL A 84 -20.66 -25.29 -18.01
CA VAL A 84 -20.95 -26.57 -17.34
C VAL A 84 -20.45 -27.77 -18.13
N GLN A 85 -20.30 -27.61 -19.45
CA GLN A 85 -19.97 -28.72 -20.34
C GLN A 85 -18.50 -28.76 -20.74
N THR A 86 -17.82 -27.62 -20.63
CA THR A 86 -16.38 -27.57 -20.89
C THR A 86 -15.57 -27.49 -19.59
N GLY A 87 -16.22 -27.10 -18.50
CA GLY A 87 -15.57 -27.00 -17.18
C GLY A 87 -14.87 -25.67 -17.05
N MET A 88 -14.59 -25.26 -15.82
CA MET A 88 -13.96 -23.95 -15.58
C MET A 88 -12.66 -24.14 -14.83
N THR A 89 -11.70 -23.27 -15.10
CA THR A 89 -10.47 -23.27 -14.33
C THR A 89 -10.71 -22.59 -12.97
N ILE A 90 -9.71 -22.62 -12.11
CA ILE A 90 -9.79 -21.96 -10.82
C ILE A 90 -9.71 -20.44 -11.00
N GLY A 91 -9.02 -19.97 -12.04
CA GLY A 91 -8.95 -18.54 -12.31
C GLY A 91 -10.31 -18.08 -12.75
N GLN A 92 -10.92 -18.87 -13.63
CA GLN A 92 -12.26 -18.60 -14.16
C GLN A 92 -13.34 -18.64 -13.08
N LEU A 93 -13.18 -19.50 -12.08
CA LEU A 93 -14.14 -19.56 -10.96
C LEU A 93 -13.97 -18.39 -10.01
N CYS A 94 -12.71 -18.01 -9.76
CA CYS A 94 -12.37 -16.85 -8.94
C CYS A 94 -12.95 -15.58 -9.55
N ASP A 95 -12.81 -15.48 -10.87
CA ASP A 95 -13.43 -14.44 -11.67
C ASP A 95 -14.97 -14.43 -11.44
N ALA A 96 -15.62 -15.56 -11.71
CA ALA A 96 -17.08 -15.70 -11.59
C ALA A 96 -17.58 -15.35 -10.20
N ALA A 97 -16.84 -15.82 -9.19
CA ALA A 97 -17.17 -15.57 -7.80
C ALA A 97 -17.24 -14.09 -7.48
N ILE A 98 -16.24 -13.33 -7.93
CA ILE A 98 -16.18 -11.88 -7.64
C ILE A 98 -17.11 -11.06 -8.54
N ARG A 99 -16.94 -11.22 -9.85
CA ARG A 99 -17.50 -10.27 -10.83
C ARG A 99 -19.00 -10.45 -11.09
N TYR A 100 -19.47 -11.70 -11.04
CA TYR A 100 -20.88 -12.03 -11.24
C TYR A 100 -21.51 -12.65 -10.00
N SER A 101 -20.82 -12.56 -8.87
CA SER A 101 -21.30 -13.11 -7.61
C SER A 101 -21.71 -14.58 -7.69
N ASP A 102 -21.01 -15.36 -8.52
CA ASP A 102 -21.39 -16.73 -8.91
C ASP A 102 -21.35 -17.70 -7.74
N GLY A 103 -22.49 -18.31 -7.44
CA GLY A 103 -22.65 -19.17 -6.28
C GLY A 103 -22.03 -20.55 -6.43
N THR A 104 -22.26 -21.18 -7.58
CA THR A 104 -21.61 -22.45 -7.93
C THR A 104 -20.09 -22.32 -8.01
N ALA A 105 -19.59 -21.22 -8.55
CA ALA A 105 -18.13 -20.94 -8.57
C ALA A 105 -17.53 -20.83 -7.18
N ALA A 106 -18.29 -20.23 -6.25
CA ALA A 106 -17.86 -20.11 -4.85
C ALA A 106 -17.93 -21.47 -4.19
N ASN A 107 -18.91 -22.29 -4.59
CA ASN A 107 -19.02 -23.65 -4.07
C ASN A 107 -17.86 -24.56 -4.47
N LEU A 108 -17.41 -24.48 -5.71
CA LEU A 108 -16.25 -25.26 -6.13
C LEU A 108 -14.95 -24.73 -5.52
N LEU A 109 -14.84 -23.41 -5.35
CA LEU A 109 -13.69 -22.83 -4.68
C LEU A 109 -13.63 -23.27 -3.24
N LEU A 110 -14.78 -23.34 -2.57
CA LEU A 110 -14.81 -23.86 -1.20
C LEU A 110 -14.27 -25.29 -1.12
N ALA A 111 -14.61 -26.13 -2.08
CA ALA A 111 -14.15 -27.51 -2.14
C ALA A 111 -12.67 -27.65 -2.49
N ASP A 112 -12.21 -26.82 -3.43
CA ASP A 112 -10.80 -26.77 -3.75
C ASP A 112 -9.98 -26.40 -2.50
N LEU A 113 -10.45 -25.41 -1.74
CA LEU A 113 -9.73 -24.92 -0.55
C LEU A 113 -9.64 -25.94 0.58
N GLY A 114 -10.76 -26.57 0.96
CA GLY A 114 -10.81 -27.48 2.11
C GLY A 114 -11.54 -28.81 1.93
N GLY A 115 -11.67 -29.29 0.70
CA GLY A 115 -12.33 -30.57 0.42
C GLY A 115 -13.85 -30.50 0.41
N PRO A 116 -14.48 -31.48 -0.24
CA PRO A 116 -15.94 -31.61 -0.10
C PRO A 116 -16.18 -31.93 1.39
N GLY A 117 -17.07 -31.17 2.01
CA GLY A 117 -17.35 -31.33 3.44
C GLY A 117 -16.58 -30.37 4.32
N GLY A 118 -15.30 -30.10 4.02
CA GLY A 118 -14.49 -29.21 4.86
C GLY A 118 -14.36 -27.78 4.36
N GLY A 119 -15.03 -27.46 3.28
CA GLY A 119 -14.80 -26.19 2.57
C GLY A 119 -14.98 -24.90 3.34
N THR A 120 -16.06 -24.83 4.13
CA THR A 120 -16.44 -23.58 4.84
C THR A 120 -15.63 -23.38 6.12
N ALA A 121 -15.35 -24.50 6.79
CA ALA A 121 -14.41 -24.54 7.89
C ALA A 121 -13.06 -23.99 7.46
N ALA A 122 -12.58 -24.47 6.30
CA ALA A 122 -11.33 -24.00 5.72
C ALA A 122 -11.36 -22.51 5.37
N PHE A 123 -12.49 -22.02 4.89
CA PHE A 123 -12.63 -20.58 4.64
C PHE A 123 -12.49 -19.83 5.97
N THR A 124 -13.26 -20.21 7.00
CA THR A 124 -13.24 -19.46 8.27
C THR A 124 -11.86 -19.52 8.92
N GLY A 125 -11.08 -20.56 8.62
CA GLY A 125 -9.70 -20.64 9.05
C GLY A 125 -8.81 -19.59 8.42
N TYR A 126 -9.01 -19.32 7.13
CA TYR A 126 -8.26 -18.26 6.50
C TYR A 126 -8.48 -16.94 7.23
N LEU A 127 -9.74 -16.63 7.54
CA LEU A 127 -10.11 -15.45 8.33
C LEU A 127 -9.37 -15.44 9.67
N ARG A 128 -9.43 -16.59 10.34
CA ARG A 128 -8.76 -16.77 11.61
C ARG A 128 -7.27 -16.50 11.46
N SER A 129 -6.66 -16.98 10.36
CA SER A 129 -5.23 -16.74 10.10
C SER A 129 -4.94 -15.29 9.78
N LEU A 130 -5.98 -14.49 9.60
CA LEU A 130 -5.83 -13.04 9.44
C LEU A 130 -6.26 -12.23 10.67
N GLY A 131 -6.39 -12.91 11.82
CA GLY A 131 -6.80 -12.28 13.07
C GLY A 131 -8.28 -12.04 13.23
N ASP A 132 -9.08 -12.50 12.28
CA ASP A 132 -10.54 -12.39 12.35
C ASP A 132 -11.05 -13.61 13.12
N THR A 133 -11.46 -13.34 14.35
CA THR A 133 -11.99 -14.37 15.25
C THR A 133 -13.44 -14.10 15.52
N VAL A 134 -14.21 -13.68 14.50
CA VAL A 134 -15.63 -13.33 14.70
C VAL A 134 -16.49 -13.93 13.61
N SER A 135 -16.14 -13.60 12.38
CA SER A 135 -16.78 -14.14 11.18
C SER A 135 -16.78 -15.69 11.13
N ARG A 136 -17.77 -16.25 10.45
CA ARG A 136 -17.86 -17.71 10.29
C ARG A 136 -18.80 -18.04 9.13
N LEU A 137 -18.37 -18.98 8.29
CA LEU A 137 -19.20 -19.55 7.24
C LEU A 137 -19.50 -20.99 7.58
N ASP A 138 -20.78 -21.29 7.80
CA ASP A 138 -21.25 -22.62 8.21
C ASP A 138 -22.01 -23.41 7.12
N ALA A 139 -22.04 -22.89 5.90
CA ALA A 139 -22.83 -23.48 4.82
C ALA A 139 -22.42 -22.94 3.47
N GLU A 140 -22.65 -23.71 2.42
CA GLU A 140 -22.35 -23.23 1.08
C GLU A 140 -23.61 -22.61 0.44
N GLU A 141 -23.49 -22.25 -0.82
CA GLU A 141 -24.59 -21.68 -1.58
C GLU A 141 -25.62 -22.78 -1.92
N PRO A 142 -26.92 -22.51 -1.86
CA PRO A 142 -27.52 -21.20 -1.54
C PRO A 142 -27.86 -20.99 -0.06
N GLU A 143 -27.65 -22.03 0.75
CA GLU A 143 -28.18 -22.06 2.13
C GLU A 143 -27.62 -20.92 2.98
N LEU A 144 -26.40 -20.47 2.67
CA LEU A 144 -25.72 -19.42 3.44
C LEU A 144 -26.40 -18.04 3.42
N ASN A 145 -27.32 -17.85 2.48
CA ASN A 145 -28.07 -16.61 2.40
C ASN A 145 -29.35 -16.68 3.25
N ARG A 146 -29.66 -17.85 3.82
CA ARG A 146 -31.03 -18.18 4.33
C ARG A 146 -31.20 -18.35 5.85
N ASP A 147 -30.21 -18.00 6.64
CA ASP A 147 -30.33 -18.14 8.10
C ASP A 147 -31.18 -17.00 8.68
N PRO A 148 -32.07 -17.32 9.65
CA PRO A 148 -32.83 -16.20 10.18
C PRO A 148 -31.96 -15.11 10.81
N PRO A 149 -32.51 -13.88 10.94
CA PRO A 149 -31.92 -12.84 11.77
C PRO A 149 -31.77 -13.33 13.21
N GLY A 150 -30.61 -13.05 13.81
CA GLY A 150 -30.22 -13.56 15.12
C GLY A 150 -29.14 -14.61 15.01
N ASP A 151 -29.30 -15.49 14.02
CA ASP A 151 -28.44 -16.67 13.81
C ASP A 151 -27.02 -16.25 13.46
N GLU A 152 -26.06 -16.69 14.25
CA GLU A 152 -24.67 -16.30 14.08
C GLU A 152 -24.03 -17.03 12.90
N ARG A 153 -24.64 -18.14 12.48
CA ARG A 153 -24.15 -18.92 11.33
C ARG A 153 -23.98 -18.04 10.13
N ASP A 154 -22.97 -18.29 9.32
CA ASP A 154 -22.75 -17.57 8.07
C ASP A 154 -22.74 -16.06 8.19
N THR A 155 -22.40 -15.52 9.37
CA THR A 155 -22.35 -14.06 9.58
C THR A 155 -20.94 -13.50 9.69
N THR A 156 -20.85 -12.19 9.67
CA THR A 156 -19.63 -11.46 10.00
C THR A 156 -20.08 -10.10 10.55
N THR A 157 -19.17 -9.28 11.03
CA THR A 157 -19.51 -7.88 11.37
C THR A 157 -18.80 -6.90 10.39
N PRO A 158 -19.34 -5.69 10.21
CA PRO A 158 -18.69 -4.68 9.38
C PRO A 158 -17.27 -4.40 9.82
N HIS A 159 -17.09 -4.17 11.15
CA HIS A 159 -15.76 -4.07 11.75
CA HIS A 159 -15.75 -4.07 11.78
C HIS A 159 -14.90 -5.18 11.19
N ALA A 160 -15.34 -6.42 11.39
CA ALA A 160 -14.57 -7.60 11.02
C ALA A 160 -14.25 -7.63 9.55
N ILE A 161 -15.30 -7.61 8.74
CA ILE A 161 -15.11 -7.84 7.31
C ILE A 161 -14.31 -6.71 6.62
N ALA A 162 -14.45 -5.48 7.10
CA ALA A 162 -13.69 -4.35 6.56
C ALA A 162 -12.18 -4.47 6.80
N LEU A 163 -11.86 -4.86 8.03
CA LEU A 163 -10.48 -5.05 8.41
C LEU A 163 -9.86 -6.17 7.63
N VAL A 164 -10.65 -7.21 7.32
CA VAL A 164 -10.15 -8.34 6.51
C VAL A 164 -9.81 -7.86 5.11
N LEU A 165 -10.62 -6.93 4.57
CA LEU A 165 -10.39 -6.39 3.23
C LEU A 165 -9.26 -5.40 3.19
N GLN A 166 -9.18 -4.50 4.19
CA GLN A 166 -8.03 -3.60 4.31
C GLN A 166 -6.72 -4.38 4.12
N GLN A 167 -6.62 -5.50 4.85
CA GLN A 167 -5.46 -6.38 4.81
C GLN A 167 -5.15 -6.95 3.44
N LEU A 168 -6.21 -7.38 2.77
CA LEU A 168 -6.09 -8.08 1.50
C LEU A 168 -5.67 -7.15 0.40
N VAL A 169 -6.23 -5.95 0.39
CA VAL A 169 -6.02 -4.99 -0.71
C VAL A 169 -4.96 -3.93 -0.40
N LEU A 170 -4.97 -3.42 0.84
CA LEU A 170 -4.07 -2.35 1.28
C LEU A 170 -2.88 -2.80 2.16
N GLY A 171 -2.98 -3.99 2.78
CA GLY A 171 -1.91 -4.60 3.61
C GLY A 171 -1.21 -5.73 2.86
N ASN A 172 -0.40 -6.52 3.57
CA ASN A 172 0.47 -7.54 2.93
C ASN A 172 0.01 -8.98 3.04
N ALA A 173 -1.28 -9.24 3.18
CA ALA A 173 -1.77 -10.64 3.28
C ALA A 173 -1.70 -11.44 1.97
N LEU A 174 -1.34 -10.77 0.86
CA LEU A 174 -1.03 -11.46 -0.40
C LEU A 174 0.19 -10.86 -1.08
N PRO A 175 1.01 -11.68 -1.75
CA PRO A 175 2.10 -11.10 -2.53
C PRO A 175 1.52 -10.27 -3.69
N PRO A 176 2.08 -9.07 -3.99
CA PRO A 176 1.57 -8.18 -5.03
C PRO A 176 0.93 -8.85 -6.25
N ASP A 177 1.63 -9.83 -6.84
CA ASP A 177 1.16 -10.47 -8.07
C ASP A 177 -0.16 -11.26 -7.85
N LYS A 178 -0.34 -11.84 -6.66
CA LYS A 178 -1.62 -12.42 -6.25
C LYS A 178 -2.66 -11.35 -5.84
N ARG A 179 -2.17 -10.30 -5.19
CA ARG A 179 -3.00 -9.19 -4.70
C ARG A 179 -3.60 -8.40 -5.84
N ALA A 180 -2.78 -8.20 -6.87
CA ALA A 180 -3.22 -7.50 -8.06
C ALA A 180 -4.38 -8.24 -8.76
N LEU A 181 -4.34 -9.57 -8.78
CA LEU A 181 -5.43 -10.39 -9.35
C LEU A 181 -6.78 -10.24 -8.64
N LEU A 182 -6.74 -10.17 -7.33
CA LEU A 182 -7.93 -9.93 -6.52
C LEU A 182 -8.53 -8.57 -6.82
N THR A 183 -7.70 -7.55 -6.78
CA THR A 183 -8.09 -6.17 -7.06
C THR A 183 -8.67 -5.99 -8.48
N ASP A 184 -8.03 -6.57 -9.49
CA ASP A 184 -8.51 -6.50 -10.88
C ASP A 184 -9.90 -7.14 -11.05
N TRP A 185 -10.20 -8.22 -10.33
CA TRP A 185 -11.54 -8.81 -10.35
C TRP A 185 -12.57 -7.97 -9.58
N MET A 186 -12.18 -7.43 -8.43
CA MET A 186 -13.04 -6.50 -7.68
C MET A 186 -13.30 -5.19 -8.47
N ALA A 187 -12.28 -4.72 -9.19
CA ALA A 187 -12.38 -3.51 -10.04
C ALA A 187 -13.18 -3.74 -11.31
N ARG A 188 -13.21 -4.98 -11.78
CA ARG A 188 -14.05 -5.32 -12.92
C ARG A 188 -15.39 -5.91 -12.43
N ASN A 189 -15.86 -5.49 -11.25
CA ASN A 189 -17.07 -6.08 -10.68
C ASN A 189 -18.31 -5.57 -11.39
N THR A 190 -19.12 -6.49 -11.93
CA THR A 190 -20.31 -6.12 -12.70
C THR A 190 -21.55 -5.82 -11.81
N THR A 191 -21.60 -6.37 -10.60
CA THR A 191 -22.82 -6.33 -9.76
C THR A 191 -22.96 -5.16 -8.77
N GLY A 192 -21.92 -4.33 -8.64
CA GLY A 192 -21.93 -3.25 -7.66
C GLY A 192 -22.20 -1.83 -8.13
N ALA A 193 -22.76 -1.66 -9.32
CA ALA A 193 -22.90 -0.34 -9.90
C ALA A 193 -23.76 0.57 -9.02
N LYS A 194 -24.78 -0.03 -8.39
CA LYS A 194 -25.85 0.73 -7.72
C LYS A 194 -25.72 0.88 -6.20
N ARG A 195 -24.55 0.56 -5.64
CA ARG A 195 -24.33 0.59 -4.19
C ARG A 195 -23.24 1.59 -3.83
N ILE A 196 -22.06 1.13 -3.40
CA ILE A 196 -21.01 2.06 -2.96
C ILE A 196 -20.38 2.82 -4.14
N ARG A 197 -20.42 2.29 -5.37
CA ARG A 197 -19.96 3.06 -6.54
C ARG A 197 -20.81 4.33 -6.68
N ALA A 198 -22.11 4.19 -6.44
CA ALA A 198 -23.13 5.26 -6.60
C ALA A 198 -23.19 6.28 -5.47
N GLY A 199 -22.46 6.05 -4.38
CA GLY A 199 -22.31 7.03 -3.32
C GLY A 199 -21.01 7.81 -3.42
N PHE A 200 -20.20 7.53 -4.43
CA PHE A 200 -18.83 8.04 -4.51
C PHE A 200 -18.52 8.69 -5.87
N PRO A 201 -18.09 9.97 -5.86
CA PRO A 201 -17.89 10.69 -7.12
C PRO A 201 -16.97 9.96 -8.08
N ALA A 202 -17.26 10.02 -9.38
CA ALA A 202 -16.59 9.17 -10.39
C ALA A 202 -15.07 9.29 -10.51
N ASP A 203 -14.49 10.40 -10.02
CA ASP A 203 -13.04 10.58 -9.97
C ASP A 203 -12.38 9.84 -8.79
N TRP A 204 -13.19 9.36 -7.84
CA TRP A 204 -12.74 8.35 -6.88
C TRP A 204 -12.87 6.94 -7.50
N LYS A 205 -11.81 6.15 -7.44
CA LYS A 205 -11.76 4.78 -7.97
C LYS A 205 -12.34 3.79 -6.95
N VAL A 206 -13.11 2.81 -7.41
CA VAL A 206 -13.81 1.85 -6.50
C VAL A 206 -13.65 0.40 -6.95
N ILE A 207 -13.29 -0.46 -6.02
CA ILE A 207 -13.37 -1.91 -6.21
C ILE A 207 -14.24 -2.42 -5.06
N ASP A 208 -15.07 -3.43 -5.35
CA ASP A 208 -16.05 -3.93 -4.37
C ASP A 208 -16.43 -5.38 -4.60
N LYS A 209 -17.07 -5.96 -3.58
CA LYS A 209 -17.77 -7.21 -3.71
C LYS A 209 -19.09 -7.09 -2.96
N THR A 210 -20.18 -7.16 -3.70
CA THR A 210 -21.55 -7.06 -3.16
C THR A 210 -22.00 -8.38 -2.52
N GLY A 211 -23.09 -8.30 -1.78
CA GLY A 211 -23.75 -9.47 -1.22
C GLY A 211 -25.24 -9.20 -1.13
N THR A 212 -26.06 -10.21 -1.45
CA THR A 212 -27.53 -10.12 -1.34
C THR A 212 -28.17 -11.48 -0.92
N GLY A 213 -29.20 -11.42 -0.07
CA GLY A 213 -29.93 -12.60 0.34
C GLY A 213 -31.32 -12.34 0.92
N ASP A 214 -31.85 -13.35 1.59
CA ASP A 214 -33.18 -13.30 2.20
C ASP A 214 -33.25 -12.32 3.35
N TYR A 215 -34.47 -12.03 3.80
CA TYR A 215 -34.74 -10.98 4.81
C TYR A 215 -34.21 -9.59 4.41
N GLY A 216 -34.20 -9.32 3.11
CA GLY A 216 -33.76 -8.07 2.57
C GLY A 216 -32.27 -7.77 2.73
N ARG A 217 -31.46 -8.81 2.55
CA ARG A 217 -30.02 -8.67 2.73
C ARG A 217 -29.36 -8.00 1.53
N ALA A 218 -28.67 -6.90 1.79
CA ALA A 218 -27.85 -6.25 0.78
C ALA A 218 -26.60 -5.74 1.48
N ASN A 219 -25.46 -6.18 0.94
CA ASN A 219 -24.14 -5.89 1.48
C ASN A 219 -23.27 -5.41 0.34
N ASP A 220 -22.44 -4.39 0.60
CA ASP A 220 -21.32 -4.11 -0.29
C ASP A 220 -20.10 -3.82 0.55
N ILE A 221 -18.98 -4.44 0.18
CA ILE A 221 -17.66 -4.10 0.76
C ILE A 221 -16.76 -3.57 -0.31
N ALA A 222 -16.05 -2.49 -0.01
CA ALA A 222 -15.21 -1.85 -0.99
C ALA A 222 -13.96 -1.21 -0.42
N VAL A 223 -12.99 -1.13 -1.33
CA VAL A 223 -11.80 -0.33 -1.17
C VAL A 223 -11.92 0.77 -2.23
N VAL A 224 -11.95 2.01 -1.79
CA VAL A 224 -11.96 3.20 -2.66
C VAL A 224 -10.61 3.88 -2.59
N TRP A 225 -10.39 4.81 -3.51
CA TRP A 225 -9.18 5.65 -3.58
C TRP A 225 -9.60 7.06 -3.96
N SER A 226 -9.13 8.04 -3.20
CA SER A 226 -9.33 9.45 -3.54
C SER A 226 -8.73 9.75 -4.93
N PRO A 227 -8.99 10.95 -5.47
CA PRO A 227 -8.41 11.31 -6.79
C PRO A 227 -6.88 11.44 -6.74
N THR A 228 -6.34 11.72 -5.55
CA THR A 228 -4.90 11.76 -5.32
C THR A 228 -4.31 10.39 -4.89
N GLY A 229 -5.10 9.31 -4.87
CA GLY A 229 -4.63 7.97 -4.48
C GLY A 229 -4.70 7.56 -3.00
N VAL A 230 -5.30 8.38 -2.15
CA VAL A 230 -5.42 8.08 -0.71
C VAL A 230 -6.52 7.03 -0.47
N PRO A 231 -6.15 5.76 -0.08
CA PRO A 231 -7.19 4.73 0.02
C PRO A 231 -7.98 4.73 1.33
N TYR A 232 -9.21 4.28 1.21
CA TYR A 232 -10.08 4.02 2.35
C TYR A 232 -10.87 2.73 2.11
N VAL A 233 -11.35 2.13 3.18
CA VAL A 233 -12.06 0.88 3.06
C VAL A 233 -13.46 1.07 3.64
N VAL A 234 -14.46 0.61 2.86
CA VAL A 234 -15.87 0.79 3.19
C VAL A 234 -16.57 -0.55 3.18
N ALA A 235 -17.25 -0.83 4.28
CA ALA A 235 -18.18 -1.92 4.37
C ALA A 235 -19.54 -1.31 4.76
N VAL A 236 -20.57 -1.62 3.98
CA VAL A 236 -21.93 -1.30 4.34
C VAL A 236 -22.76 -2.56 4.28
N MET A 237 -23.55 -2.76 5.32
CA MET A 237 -24.30 -4.01 5.52
C MET A 237 -25.73 -3.70 5.94
N SER A 238 -26.69 -4.42 5.34
CA SER A 238 -28.09 -4.19 5.61
C SER A 238 -29.00 -5.42 5.52
N ASP A 239 -29.99 -5.46 6.40
CA ASP A 239 -31.14 -6.36 6.23
C ASP A 239 -32.47 -5.64 6.53
N ARG A 240 -33.52 -6.05 5.81
CA ARG A 240 -34.89 -5.51 5.93
C ARG A 240 -35.77 -6.62 6.46
N ALA A 241 -35.48 -7.01 7.70
CA ALA A 241 -36.05 -8.24 8.29
C ALA A 241 -37.58 -8.23 8.51
N GLY A 242 -38.14 -7.05 8.83
CA GLY A 242 -39.59 -6.88 9.01
C GLY A 242 -40.50 -7.56 7.99
N GLY A 243 -40.09 -7.59 6.71
CA GLY A 243 -40.86 -8.20 5.61
C GLY A 243 -40.74 -9.72 5.42
N GLY A 244 -39.96 -10.37 6.29
CA GLY A 244 -39.78 -11.81 6.27
C GLY A 244 -38.76 -12.30 5.27
N TYR A 245 -38.63 -13.63 5.19
CA TYR A 245 -37.74 -14.35 4.25
C TYR A 245 -37.66 -13.74 2.84
N ASP A 246 -38.77 -13.22 2.31
CA ASP A 246 -38.84 -12.73 0.95
C ASP A 246 -38.75 -11.20 0.83
N ALA A 247 -38.40 -10.49 1.92
CA ALA A 247 -38.47 -9.02 1.99
C ALA A 247 -37.55 -8.41 0.98
N GLU A 248 -37.94 -7.24 0.46
CA GLU A 248 -37.21 -6.54 -0.60
C GLU A 248 -35.84 -6.03 -0.10
N PRO A 249 -34.76 -6.36 -0.83
CA PRO A 249 -33.47 -5.73 -0.53
C PRO A 249 -33.40 -4.32 -1.14
N ARG A 250 -32.77 -3.37 -0.45
CA ARG A 250 -32.72 -1.95 -0.92
C ARG A 250 -31.31 -1.47 -1.28
N GLU A 251 -30.91 -1.66 -2.54
CA GLU A 251 -29.61 -1.20 -3.04
C GLU A 251 -29.41 0.27 -2.79
N ALA A 252 -30.50 1.03 -2.74
CA ALA A 252 -30.49 2.50 -2.55
C ALA A 252 -30.04 2.96 -1.17
N LEU A 253 -30.29 2.12 -0.17
CA LEU A 253 -29.72 2.25 1.18
C LEU A 253 -28.20 2.31 1.22
N LEU A 254 -27.57 1.41 0.45
CA LEU A 254 -26.11 1.29 0.39
C LEU A 254 -25.47 2.44 -0.38
N ALA A 255 -26.09 2.88 -1.47
CA ALA A 255 -25.67 4.10 -2.14
C ALA A 255 -25.75 5.29 -1.20
N GLU A 256 -26.81 5.32 -0.37
CA GLU A 256 -27.04 6.41 0.61
C GLU A 256 -26.03 6.48 1.79
N ALA A 257 -25.74 5.33 2.39
CA ALA A 257 -24.67 5.24 3.40
C ALA A 257 -23.25 5.53 2.80
N ALA A 258 -22.97 5.02 1.60
CA ALA A 258 -21.74 5.32 0.86
C ALA A 258 -21.59 6.83 0.57
N THR A 259 -22.72 7.51 0.36
CA THR A 259 -22.76 8.95 0.20
C THR A 259 -22.42 9.71 1.48
N CYS A 260 -22.91 9.26 2.64
CA CYS A 260 -22.54 9.89 3.91
C CYS A 260 -21.05 9.77 4.14
N VAL A 261 -20.54 8.57 3.84
CA VAL A 261 -19.14 8.20 3.97
C VAL A 261 -18.35 9.09 3.04
N ALA A 262 -18.62 8.97 1.75
CA ALA A 262 -17.96 9.81 0.75
C ALA A 262 -17.98 11.27 1.23
N GLY A 263 -19.13 11.72 1.75
CA GLY A 263 -19.28 13.06 2.30
C GLY A 263 -18.34 13.40 3.42
N VAL A 264 -18.12 12.45 4.33
CA VAL A 264 -17.12 12.63 5.40
C VAL A 264 -15.68 12.58 4.83
N LEU A 265 -15.40 11.58 4.00
CA LEU A 265 -14.04 11.33 3.51
C LEU A 265 -13.49 12.39 2.55
N ALA A 266 -14.37 13.05 1.79
CA ALA A 266 -13.97 13.94 0.69
C ALA A 266 -13.94 15.42 1.03
N LEU A 267 -14.93 15.87 1.81
CA LEU A 267 -15.02 17.28 2.19
C LEU A 267 -13.91 17.65 3.18
N GLU A 268 -13.09 18.65 2.85
CA GLU A 268 -11.92 19.00 3.68
C GLU A 268 -12.18 20.05 4.78
N HIS A 269 -13.45 20.41 5.02
CA HIS A 269 -13.81 21.24 6.21
C HIS A 269 -13.49 20.53 7.56
N MET B 1 32.40 -14.56 -15.16
CA MET B 1 30.98 -14.36 -14.69
C MET B 1 30.37 -12.97 -14.92
N ASP B 2 29.05 -12.94 -15.13
CA ASP B 2 28.33 -11.69 -15.44
C ASP B 2 27.70 -11.04 -14.20
N LEU B 3 27.82 -9.71 -14.15
CA LEU B 3 27.40 -8.86 -12.99
C LEU B 3 25.93 -9.03 -12.56
N ALA B 4 25.06 -9.35 -13.51
CA ALA B 4 23.66 -9.63 -13.22
C ALA B 4 23.53 -10.90 -12.35
N ASP B 5 24.41 -11.88 -12.59
CA ASP B 5 24.43 -13.13 -11.82
C ASP B 5 24.91 -12.87 -10.37
N ARG B 6 25.98 -12.09 -10.23
CA ARG B 6 26.46 -11.66 -8.91
C ARG B 6 25.33 -11.07 -8.11
N PHE B 7 24.60 -10.16 -8.73
CA PHE B 7 23.47 -9.50 -8.07
C PHE B 7 22.35 -10.49 -7.75
N ALA B 8 22.08 -11.44 -8.66
CA ALA B 8 21.09 -12.53 -8.40
C ALA B 8 21.38 -13.40 -7.18
N GLU B 9 22.68 -13.68 -6.97
CA GLU B 9 23.13 -14.47 -5.81
C GLU B 9 22.93 -13.71 -4.50
N LEU B 10 23.20 -12.40 -4.52
CA LEU B 10 23.03 -11.57 -3.34
C LEU B 10 21.60 -11.65 -2.83
N GLU B 11 20.65 -11.57 -3.77
CA GLU B 11 19.23 -11.70 -3.47
C GLU B 11 18.88 -13.08 -2.89
N ARG B 12 19.32 -14.13 -3.58
CA ARG B 12 19.13 -15.51 -3.11
C ARG B 12 19.57 -15.72 -1.67
N ARG B 13 20.71 -15.11 -1.32
CA ARG B 13 21.37 -15.33 -0.03
C ARG B 13 20.78 -14.46 1.07
N TYR B 14 20.47 -13.22 0.78
CA TYR B 14 19.84 -12.37 1.78
C TYR B 14 18.31 -12.53 1.86
N ASP B 15 17.75 -13.31 0.94
CA ASP B 15 16.29 -13.42 0.79
C ASP B 15 15.72 -12.03 0.71
N ALA B 16 16.07 -11.37 -0.38
CA ALA B 16 15.84 -9.94 -0.54
C ALA B 16 15.74 -9.61 -2.00
N ARG B 17 15.06 -8.51 -2.30
CA ARG B 17 14.99 -7.98 -3.65
C ARG B 17 15.98 -6.80 -3.73
N LEU B 18 16.66 -6.71 -4.86
CA LEU B 18 17.77 -5.77 -5.01
C LEU B 18 17.49 -4.86 -6.19
N GLY B 19 17.65 -3.56 -5.96
CA GLY B 19 17.62 -2.56 -7.01
C GLY B 19 18.93 -1.84 -7.00
N VAL B 20 19.63 -1.85 -8.13
CA VAL B 20 20.87 -1.09 -8.29
C VAL B 20 20.80 -0.27 -9.57
N TYR B 21 21.29 0.97 -9.50
CA TYR B 21 21.54 1.72 -10.72
C TYR B 21 22.69 2.70 -10.60
N VAL B 22 23.59 2.61 -11.58
CA VAL B 22 24.64 3.61 -11.80
C VAL B 22 24.56 4.14 -13.25
N PRO B 23 24.33 5.48 -13.43
CA PRO B 23 24.38 6.08 -14.77
C PRO B 23 25.72 5.89 -15.52
N ALA B 24 25.63 5.86 -16.83
CA ALA B 24 26.79 5.88 -17.71
C ALA B 24 27.47 7.24 -17.63
N THR B 25 28.76 7.23 -17.94
CA THR B 25 29.58 8.44 -18.06
C THR B 25 30.14 8.45 -19.49
N GLY B 26 31.10 9.33 -19.76
CA GLY B 26 31.90 9.25 -20.99
C GLY B 26 32.37 7.82 -21.29
N THR B 27 33.24 7.29 -20.42
CA THR B 27 33.89 6.00 -20.68
C THR B 27 33.17 4.72 -20.17
N THR B 28 32.20 4.87 -19.27
CA THR B 28 31.51 3.72 -18.66
C THR B 28 30.09 3.52 -19.18
N ALA B 29 29.67 2.26 -19.21
CA ALA B 29 28.29 1.86 -19.51
C ALA B 29 27.48 1.78 -18.20
N ALA B 30 26.19 2.08 -18.27
CA ALA B 30 25.36 2.13 -17.08
C ALA B 30 25.15 0.73 -16.51
N ILE B 31 25.22 0.64 -15.18
CA ILE B 31 24.98 -0.58 -14.45
C ILE B 31 23.55 -0.46 -13.88
N GLU B 32 22.73 -1.47 -14.18
CA GLU B 32 21.32 -1.47 -13.84
C GLU B 32 20.93 -2.89 -13.38
N TYR B 33 20.20 -2.95 -12.27
CA TYR B 33 19.61 -4.20 -11.81
C TYR B 33 18.30 -3.89 -11.09
N ARG B 34 17.17 -4.29 -11.72
CA ARG B 34 15.81 -3.88 -11.31
C ARG B 34 15.70 -2.36 -11.12
N ALA B 35 16.35 -1.62 -12.03
CA ALA B 35 16.51 -0.18 -11.86
C ALA B 35 15.23 0.57 -12.15
N ASP B 36 14.38 -0.02 -13.01
CA ASP B 36 13.02 0.48 -13.31
C ASP B 36 11.94 -0.11 -12.38
N GLU B 37 12.30 -0.73 -11.25
CA GLU B 37 11.32 -1.26 -10.28
C GLU B 37 11.12 -0.26 -9.17
N ARG B 38 9.90 -0.23 -8.63
CA ARG B 38 9.54 0.69 -7.54
C ARG B 38 10.03 0.20 -6.19
N PHE B 39 10.78 1.04 -5.51
CA PHE B 39 11.29 0.72 -4.22
C PHE B 39 10.88 1.83 -3.29
N ALA B 40 10.40 1.47 -2.12
CA ALA B 40 10.12 2.43 -1.05
C ALA B 40 11.23 3.47 -0.87
N PHE B 41 10.89 4.75 -0.97
CA PHE B 41 11.82 5.84 -0.61
C PHE B 41 12.47 5.66 0.78
N CYS B 42 11.62 5.46 1.79
CA CYS B 42 12.03 5.58 3.18
C CYS B 42 12.78 6.89 3.30
N SER B 43 13.75 7.03 4.18
CA SER B 43 14.31 8.37 4.47
C SER B 43 15.18 8.99 3.34
N THR B 44 15.31 8.30 2.18
CA THR B 44 16.12 8.79 1.05
C THR B 44 15.54 10.02 0.36
N PHE B 45 14.23 10.25 0.57
CA PHE B 45 13.53 11.46 0.06
C PHE B 45 14.08 12.77 0.67
N LYS B 46 14.62 12.68 1.88
CA LYS B 46 15.19 13.85 2.56
C LYS B 46 16.31 14.55 1.81
N ALA B 47 17.01 13.85 0.94
CA ALA B 47 18.10 14.50 0.17
C ALA B 47 17.52 15.48 -0.86
N PRO B 48 16.75 14.96 -1.84
CA PRO B 48 16.09 15.89 -2.75
C PRO B 48 15.13 16.87 -2.04
N LEU B 49 14.39 16.44 -1.00
CA LEU B 49 13.61 17.36 -0.15
C LEU B 49 14.41 18.61 0.24
N VAL B 50 15.65 18.44 0.66
CA VAL B 50 16.47 19.58 1.04
C VAL B 50 16.92 20.43 -0.17
N ALA B 51 17.12 19.79 -1.30
CA ALA B 51 17.34 20.54 -2.54
C ALA B 51 16.16 21.46 -2.84
N ALA B 52 14.93 20.92 -2.77
CA ALA B 52 13.70 21.70 -3.00
C ALA B 52 13.64 22.88 -2.04
N VAL B 53 13.75 22.62 -0.73
CA VAL B 53 13.74 23.68 0.28
C VAL B 53 14.88 24.71 0.07
N LEU B 54 16.02 24.28 -0.48
CA LEU B 54 17.13 25.20 -0.81
C LEU B 54 16.89 25.97 -2.11
N HIS B 55 16.53 25.26 -3.17
CA HIS B 55 16.27 25.87 -4.48
C HIS B 55 15.18 26.95 -4.47
N GLN B 56 14.10 26.68 -3.72
CA GLN B 56 12.91 27.55 -3.63
C GLN B 56 13.06 28.64 -2.55
N ASN B 57 14.28 28.93 -2.07
CA ASN B 57 14.49 29.89 -0.98
C ASN B 57 15.89 30.48 -1.03
N PRO B 58 16.01 31.76 -0.65
CA PRO B 58 17.36 32.32 -0.41
C PRO B 58 18.10 31.72 0.82
N LEU B 59 19.44 31.60 0.72
CA LEU B 59 20.35 31.21 1.85
C LEU B 59 19.98 31.81 3.20
N THR B 60 19.56 33.07 3.16
CA THR B 60 19.03 33.82 4.31
C THR B 60 17.93 33.01 5.10
N HIS B 61 17.07 32.30 4.37
CA HIS B 61 15.96 31.46 4.91
C HIS B 61 16.37 30.29 5.81
N LEU B 62 17.62 29.83 5.67
CA LEU B 62 18.18 28.82 6.57
C LEU B 62 18.25 29.24 8.05
N ASP B 63 18.31 30.55 8.30
CA ASP B 63 18.29 31.12 9.67
C ASP B 63 16.87 31.46 10.20
N LYS B 64 15.82 30.94 9.58
CA LYS B 64 14.45 31.13 10.10
C LYS B 64 14.17 30.11 11.18
N LEU B 65 13.83 30.59 12.38
CA LEU B 65 13.47 29.72 13.51
C LEU B 65 12.05 29.15 13.36
N ILE B 66 11.95 27.83 13.26
CA ILE B 66 10.68 27.10 13.28
C ILE B 66 10.49 26.61 14.70
N THR B 67 9.42 27.06 15.38
CA THR B 67 9.08 26.51 16.69
C THR B 67 8.03 25.44 16.46
N TYR B 68 8.23 24.29 17.08
CA TYR B 68 7.40 23.12 16.91
C TYR B 68 7.17 22.58 18.31
N THR B 69 6.44 21.47 18.42
CA THR B 69 6.06 20.93 19.72
C THR B 69 6.20 19.43 19.71
N SER B 70 5.96 18.84 20.88
CA SER B 70 5.84 17.40 21.01
C SER B 70 4.63 16.86 20.26
N ASP B 71 3.67 17.74 19.96
CA ASP B 71 2.56 17.42 19.07
C ASP B 71 3.09 16.98 17.70
N ASP B 72 4.17 17.61 17.26
CA ASP B 72 4.77 17.33 15.96
C ASP B 72 5.47 15.98 15.88
N ILE B 73 6.14 15.60 16.96
CA ILE B 73 7.05 14.46 16.93
C ILE B 73 6.28 13.15 16.95
N ARG B 74 6.10 12.57 15.76
CA ARG B 74 5.37 11.31 15.53
C ARG B 74 6.28 10.20 14.93
N SER B 75 7.60 10.44 14.92
CA SER B 75 8.57 9.51 14.33
C SER B 75 9.93 9.62 15.02
N ILE B 76 10.82 8.68 14.68
CA ILE B 76 12.26 8.77 15.02
C ILE B 76 12.87 10.16 14.77
N SER B 77 13.19 10.86 15.85
CA SER B 77 13.56 12.26 15.77
C SER B 77 14.73 12.53 16.71
N PRO B 78 15.92 11.95 16.39
CA PRO B 78 17.11 12.13 17.23
C PRO B 78 17.35 13.59 17.63
N VAL B 79 17.38 14.49 16.66
CA VAL B 79 17.78 15.88 16.88
C VAL B 79 16.59 16.72 17.31
N ALA B 80 15.48 16.58 16.60
CA ALA B 80 14.29 17.38 16.85
C ALA B 80 13.87 17.34 18.31
N GLN B 81 13.81 16.11 18.85
CA GLN B 81 13.55 15.87 20.28
C GLN B 81 14.39 16.71 21.24
N GLN B 82 15.67 16.90 20.90
CA GLN B 82 16.59 17.71 21.71
C GLN B 82 16.29 19.22 21.67
N HIS B 83 15.61 19.69 20.63
CA HIS B 83 15.46 21.14 20.40
C HIS B 83 13.98 21.55 20.40
N VAL B 84 13.12 20.71 20.96
CA VAL B 84 11.67 20.90 20.91
C VAL B 84 11.19 22.15 21.65
N GLN B 85 11.95 22.62 22.64
CA GLN B 85 11.50 23.77 23.47
C GLN B 85 12.17 25.08 23.12
N THR B 86 13.28 25.03 22.39
CA THR B 86 13.94 26.23 21.88
C THR B 86 13.68 26.42 20.37
N GLY B 87 13.26 25.36 19.68
CA GLY B 87 12.98 25.41 18.25
C GLY B 87 14.23 25.29 17.42
N MET B 88 14.06 24.93 16.15
CA MET B 88 15.19 24.70 15.24
C MET B 88 15.05 25.60 14.02
N THR B 89 16.18 25.99 13.45
CA THR B 89 16.14 26.74 12.20
C THR B 89 15.91 25.75 11.04
N ILE B 90 15.74 26.30 9.83
CA ILE B 90 15.59 25.47 8.64
C ILE B 90 16.93 24.84 8.26
N GLY B 91 18.04 25.50 8.58
CA GLY B 91 19.35 24.95 8.32
C GLY B 91 19.55 23.75 9.22
N GLN B 92 19.18 23.93 10.48
CA GLN B 92 19.27 22.89 11.50
C GLN B 92 18.37 21.69 11.20
N LEU B 93 17.21 21.92 10.59
CA LEU B 93 16.31 20.82 10.20
C LEU B 93 16.82 20.08 8.98
N CYS B 94 17.37 20.82 8.02
CA CYS B 94 18.01 20.26 6.81
C CYS B 94 19.18 19.37 7.20
N ASP B 95 19.96 19.86 8.16
CA ASP B 95 21.03 19.09 8.80
C ASP B 95 20.47 17.75 9.40
N ALA B 96 19.49 17.88 10.30
CA ALA B 96 18.89 16.72 10.98
C ALA B 96 18.33 15.72 10.01
N ALA B 97 17.66 16.22 8.98
CA ALA B 97 17.06 15.39 7.95
C ALA B 97 18.11 14.51 7.25
N ILE B 98 19.25 15.09 6.87
CA ILE B 98 20.28 14.35 6.13
C ILE B 98 21.15 13.48 7.04
N ARG B 99 21.73 14.11 8.07
CA ARG B 99 22.84 13.50 8.83
C ARG B 99 22.37 12.47 9.85
N TYR B 100 21.19 12.68 10.45
CA TYR B 100 20.62 11.76 11.44
C TYR B 100 19.31 11.14 10.96
N SER B 101 19.00 11.32 9.67
CA SER B 101 17.79 10.79 9.09
C SER B 101 16.50 11.20 9.84
N ASP B 102 16.49 12.40 10.41
CA ASP B 102 15.46 12.89 11.36
C ASP B 102 14.08 13.03 10.67
N GLY B 103 13.08 12.32 11.18
CA GLY B 103 11.76 12.26 10.56
C GLY B 103 10.89 13.48 10.81
N THR B 104 10.90 13.98 12.06
CA THR B 104 10.23 15.26 12.38
C THR B 104 10.83 16.43 11.62
N ALA B 105 12.15 16.47 11.47
CA ALA B 105 12.82 17.50 10.68
C ALA B 105 12.39 17.47 9.20
N ALA B 106 12.20 16.26 8.66
CA ALA B 106 11.71 16.09 7.29
C ALA B 106 10.25 16.49 7.21
N ASN B 107 9.49 16.24 8.27
CA ASN B 107 8.08 16.64 8.34
C ASN B 107 7.89 18.17 8.34
N LEU B 108 8.71 18.90 9.08
CA LEU B 108 8.63 20.36 9.04
C LEU B 108 9.13 20.93 7.72
N LEU B 109 10.14 20.30 7.13
CA LEU B 109 10.64 20.72 5.83
C LEU B 109 9.58 20.50 4.77
N LEU B 110 8.84 19.40 4.84
CA LEU B 110 7.73 19.18 3.92
C LEU B 110 6.68 20.29 4.01
N ALA B 111 6.37 20.75 5.22
CA ALA B 111 5.40 21.84 5.44
C ALA B 111 5.93 23.22 4.99
N ASP B 112 7.19 23.47 5.26
CA ASP B 112 7.85 24.68 4.78
C ASP B 112 7.79 24.76 3.24
N LEU B 113 8.05 23.63 2.58
CA LEU B 113 8.06 23.57 1.11
C LEU B 113 6.69 23.80 0.46
N GLY B 114 5.65 23.10 0.92
CA GLY B 114 4.32 23.13 0.29
C GLY B 114 3.12 23.27 1.21
N GLY B 115 3.31 23.81 2.41
CA GLY B 115 2.21 24.03 3.34
C GLY B 115 1.80 22.79 4.13
N PRO B 116 1.02 23.00 5.21
CA PRO B 116 0.58 21.90 6.07
C PRO B 116 -0.13 20.74 5.41
N GLY B 117 -0.97 20.98 4.42
CA GLY B 117 -1.65 19.90 3.70
C GLY B 117 -0.90 19.40 2.46
N GLY B 118 -0.11 20.27 1.86
CA GLY B 118 0.42 20.07 0.51
C GLY B 118 1.87 19.67 0.43
N GLY B 119 2.48 19.34 1.56
CA GLY B 119 3.93 19.12 1.63
C GLY B 119 4.54 18.08 0.68
N THR B 120 3.88 16.92 0.58
CA THR B 120 4.44 15.77 -0.18
C THR B 120 4.19 15.91 -1.68
N ALA B 121 3.03 16.47 -2.02
CA ALA B 121 2.72 16.91 -3.37
C ALA B 121 3.78 17.87 -3.88
N ALA B 122 4.12 18.85 -3.05
CA ALA B 122 5.16 19.81 -3.36
C ALA B 122 6.55 19.17 -3.54
N PHE B 123 6.84 18.16 -2.72
CA PHE B 123 8.09 17.41 -2.91
C PHE B 123 8.08 16.72 -4.29
N THR B 124 7.01 15.97 -4.60
CA THR B 124 6.96 15.21 -5.85
C THR B 124 7.03 16.15 -7.07
N GLY B 125 6.58 17.38 -6.89
CA GLY B 125 6.72 18.40 -7.92
C GLY B 125 8.15 18.79 -8.21
N TYR B 126 8.96 18.90 -7.16
CA TYR B 126 10.37 19.21 -7.35
C TYR B 126 11.01 18.12 -8.24
N LEU B 127 10.72 16.86 -7.93
CA LEU B 127 11.15 15.71 -8.74
C LEU B 127 10.70 15.85 -10.19
N ARG B 128 9.43 16.18 -10.34
CA ARG B 128 8.82 16.40 -11.64
C ARG B 128 9.58 17.49 -12.38
N SER B 129 9.93 18.57 -11.66
CA SER B 129 10.67 19.68 -12.26
C SER B 129 12.08 19.30 -12.63
N LEU B 130 12.53 18.13 -12.19
CA LEU B 130 13.83 17.60 -12.59
C LEU B 130 13.73 16.44 -13.61
N GLY B 131 12.57 16.30 -14.25
CA GLY B 131 12.36 15.26 -15.27
C GLY B 131 12.02 13.88 -14.73
N ASP B 132 11.85 13.78 -13.40
CA ASP B 132 11.45 12.54 -12.75
C ASP B 132 9.91 12.50 -12.77
N THR B 133 9.37 11.64 -13.63
CA THR B 133 7.94 11.47 -13.75
C THR B 133 7.55 10.09 -13.29
N VAL B 134 8.18 9.57 -12.22
CA VAL B 134 7.89 8.19 -11.76
C VAL B 134 7.73 8.12 -10.26
N SER B 135 8.74 8.62 -9.55
CA SER B 135 8.70 8.75 -8.08
C SER B 135 7.48 9.52 -7.55
N ARG B 136 7.09 9.22 -6.31
CA ARG B 136 5.99 9.94 -5.67
C ARG B 136 6.05 9.72 -4.17
N LEU B 137 5.85 10.80 -3.42
CA LEU B 137 5.70 10.74 -1.96
C LEU B 137 4.27 11.10 -1.62
N ASP B 138 3.56 10.13 -1.03
CA ASP B 138 2.13 10.28 -0.70
C ASP B 138 1.82 10.43 0.79
N ALA B 139 2.87 10.55 1.63
CA ALA B 139 2.70 10.54 3.08
C ALA B 139 3.96 11.02 3.76
N GLU B 140 3.79 11.55 4.95
CA GLU B 140 4.94 12.00 5.71
C GLU B 140 5.38 10.89 6.70
N GLU B 141 6.34 11.25 7.55
CA GLU B 141 6.86 10.35 8.55
C GLU B 141 5.82 10.17 9.68
N PRO B 142 5.65 8.94 10.22
CA PRO B 142 6.41 7.73 9.87
C PRO B 142 5.76 6.85 8.79
N GLU B 143 4.56 7.23 8.36
CA GLU B 143 3.70 6.37 7.54
C GLU B 143 4.35 5.97 6.23
N LEU B 144 5.21 6.85 5.71
CA LEU B 144 5.88 6.63 4.41
C LEU B 144 6.83 5.43 4.35
N ASN B 145 7.21 4.90 5.51
CA ASN B 145 8.07 3.72 5.56
C ASN B 145 7.24 2.42 5.53
N ARG B 146 5.89 2.54 5.62
CA ARG B 146 5.01 1.44 6.05
C ARG B 146 4.03 0.85 5.02
N ASP B 147 4.17 1.21 3.76
CA ASP B 147 3.29 0.69 2.72
C ASP B 147 3.68 -0.76 2.36
N PRO B 148 2.69 -1.65 2.17
CA PRO B 148 3.11 -3.00 1.77
C PRO B 148 3.92 -3.03 0.46
N PRO B 149 4.69 -4.11 0.25
CA PRO B 149 5.30 -4.40 -1.05
C PRO B 149 4.25 -4.48 -2.13
N GLY B 150 4.54 -3.87 -3.29
CA GLY B 150 3.61 -3.74 -4.39
C GLY B 150 3.13 -2.30 -4.52
N ASP B 151 2.82 -1.68 -3.36
CA ASP B 151 2.18 -0.36 -3.29
C ASP B 151 3.07 0.74 -3.89
N GLU B 152 2.54 1.44 -4.88
CA GLU B 152 3.32 2.46 -5.60
C GLU B 152 3.48 3.73 -4.76
N ARG B 153 2.62 3.91 -3.77
CA ARG B 153 2.71 5.06 -2.85
C ARG B 153 4.10 5.17 -2.28
N ASP B 154 4.58 6.38 -2.05
CA ASP B 154 5.86 6.62 -1.40
C ASP B 154 7.04 5.87 -1.99
N THR B 155 6.98 5.49 -3.28
CA THR B 155 8.07 4.76 -3.94
C THR B 155 8.85 5.61 -4.94
N THR B 156 9.97 5.05 -5.38
CA THR B 156 10.74 5.57 -6.50
C THR B 156 11.44 4.39 -7.13
N THR B 157 12.14 4.58 -8.24
CA THR B 157 13.00 3.53 -8.80
C THR B 157 14.47 3.97 -8.71
N PRO B 158 15.40 2.99 -8.68
CA PRO B 158 16.83 3.30 -8.68
C PRO B 158 17.23 4.19 -9.86
N HIS B 159 16.78 3.80 -11.06
CA HIS B 159 16.91 4.64 -12.27
C HIS B 159 16.54 6.06 -11.92
N ALA B 160 15.31 6.22 -11.45
CA ALA B 160 14.73 7.54 -11.19
C ALA B 160 15.55 8.29 -10.17
N ILE B 161 15.70 7.70 -8.98
CA ILE B 161 16.29 8.44 -7.87
C ILE B 161 17.76 8.77 -8.09
N ALA B 162 18.49 7.92 -8.81
CA ALA B 162 19.90 8.17 -9.14
C ALA B 162 20.09 9.37 -10.05
N LEU B 163 19.24 9.43 -11.07
CA LEU B 163 19.25 10.53 -12.01
C LEU B 163 18.91 11.84 -11.29
N VAL B 164 18.01 11.80 -10.32
CA VAL B 164 17.66 12.99 -9.54
C VAL B 164 18.87 13.47 -8.75
N LEU B 165 19.65 12.53 -8.22
CA LEU B 165 20.84 12.88 -7.40
C LEU B 165 22.00 13.34 -8.26
N GLN B 166 22.24 12.67 -9.39
CA GLN B 166 23.22 13.14 -10.37
C GLN B 166 23.08 14.63 -10.61
N GLN B 167 21.84 15.04 -10.88
CA GLN B 167 21.47 16.44 -11.14
C GLN B 167 21.79 17.37 -10.00
N LEU B 168 21.48 16.93 -8.80
CA LEU B 168 21.61 17.76 -7.60
C LEU B 168 23.04 18.01 -7.26
N VAL B 169 23.85 16.97 -7.35
CA VAL B 169 25.24 17.01 -6.87
C VAL B 169 26.26 17.22 -8.00
N LEU B 170 26.04 16.58 -9.14
CA LEU B 170 26.93 16.66 -10.29
C LEU B 170 26.48 17.57 -11.44
N GLY B 171 25.18 17.89 -11.49
CA GLY B 171 24.59 18.82 -12.48
C GLY B 171 24.29 20.17 -11.85
N ASN B 172 23.57 21.02 -12.59
CA ASN B 172 23.36 22.42 -12.18
C ASN B 172 21.99 22.76 -11.58
N ALA B 173 21.29 21.79 -10.98
CA ALA B 173 19.99 22.07 -10.37
C ALA B 173 20.04 22.89 -9.07
N LEU B 174 21.25 23.18 -8.57
CA LEU B 174 21.46 24.14 -7.47
C LEU B 174 22.64 25.04 -7.74
N PRO B 175 22.57 26.32 -7.32
CA PRO B 175 23.77 27.15 -7.43
C PRO B 175 24.85 26.64 -6.48
N PRO B 176 26.14 26.59 -6.93
CA PRO B 176 27.25 26.06 -6.11
C PRO B 176 27.13 26.28 -4.58
N ASP B 177 26.85 27.51 -4.16
CA ASP B 177 26.79 27.81 -2.74
C ASP B 177 25.65 27.09 -2.00
N LYS B 178 24.52 26.86 -2.68
CA LYS B 178 23.47 25.97 -2.16
C LYS B 178 23.81 24.48 -2.32
N ARG B 179 24.48 24.15 -3.43
CA ARG B 179 24.89 22.77 -3.74
C ARG B 179 25.93 22.27 -2.77
N ALA B 180 26.86 23.15 -2.43
CA ALA B 180 27.89 22.82 -1.47
C ALA B 180 27.31 22.50 -0.07
N LEU B 181 26.25 23.20 0.33
CA LEU B 181 25.55 22.92 1.60
C LEU B 181 24.90 21.52 1.67
N LEU B 182 24.30 21.10 0.56
CA LEU B 182 23.73 19.75 0.44
C LEU B 182 24.81 18.70 0.55
N THR B 183 25.87 18.87 -0.23
CA THR B 183 27.03 17.98 -0.23
C THR B 183 27.71 17.86 1.13
N ASP B 184 27.93 18.98 1.82
CA ASP B 184 28.54 18.97 3.17
C ASP B 184 27.69 18.20 4.18
N TRP B 185 26.37 18.27 4.09
CA TRP B 185 25.50 17.47 4.96
C TRP B 185 25.50 15.97 4.60
N MET B 186 25.47 15.67 3.31
CA MET B 186 25.61 14.30 2.82
C MET B 186 26.99 13.69 3.16
N ALA B 187 28.05 14.52 3.08
CA ALA B 187 29.42 14.10 3.41
C ALA B 187 29.64 13.97 4.92
N ARG B 188 28.87 14.68 5.72
CA ARG B 188 28.92 14.53 7.18
C ARG B 188 27.80 13.60 7.64
N ASN B 189 27.39 12.65 6.79
CA ASN B 189 26.26 11.77 7.14
C ASN B 189 26.68 10.74 8.16
N THR B 190 25.98 10.71 9.30
CA THR B 190 26.33 9.81 10.41
C THR B 190 25.78 8.37 10.21
N THR B 191 24.69 8.21 9.44
CA THR B 191 23.99 6.91 9.33
C THR B 191 24.45 5.92 8.24
N GLY B 192 25.34 6.34 7.37
CA GLY B 192 25.70 5.52 6.20
C GLY B 192 27.02 4.78 6.20
N ALA B 193 27.64 4.63 7.37
CA ALA B 193 28.98 4.07 7.44
C ALA B 193 29.03 2.66 6.87
N LYS B 194 27.95 1.90 7.07
CA LYS B 194 27.92 0.45 6.84
C LYS B 194 27.31 -0.01 5.52
N ARG B 195 27.08 0.92 4.58
CA ARG B 195 26.40 0.61 3.32
C ARG B 195 27.34 0.92 2.13
N ILE B 196 27.08 1.96 1.36
CA ILE B 196 27.88 2.23 0.16
C ILE B 196 29.28 2.76 0.54
N ARG B 197 29.45 3.38 1.71
CA ARG B 197 30.80 3.76 2.16
C ARG B 197 31.67 2.50 2.30
N ALA B 198 31.06 1.41 2.81
CA ALA B 198 31.73 0.13 3.10
C ALA B 198 31.98 -0.78 1.89
N GLY B 199 31.44 -0.42 0.73
CA GLY B 199 31.76 -1.11 -0.52
C GLY B 199 32.80 -0.40 -1.36
N PHE B 200 33.30 0.73 -0.85
CA PHE B 200 34.16 1.61 -1.63
C PHE B 200 35.45 1.97 -0.89
N PRO B 201 36.63 1.69 -1.47
CA PRO B 201 37.90 1.95 -0.78
C PRO B 201 38.02 3.39 -0.29
N ALA B 202 38.63 3.58 0.88
CA ALA B 202 38.61 4.87 1.59
C ALA B 202 39.20 6.09 0.84
N ASP B 203 40.04 5.85 -0.17
CA ASP B 203 40.57 6.92 -1.03
C ASP B 203 39.54 7.40 -2.08
N TRP B 204 38.45 6.66 -2.26
CA TRP B 204 37.25 7.19 -2.94
C TRP B 204 36.38 7.96 -1.93
N LYS B 205 36.06 9.23 -2.25
CA LYS B 205 35.16 10.09 -1.42
C LYS B 205 33.70 9.69 -1.63
N VAL B 206 32.91 9.68 -0.55
CA VAL B 206 31.49 9.27 -0.59
C VAL B 206 30.62 10.24 0.22
N ILE B 207 29.54 10.68 -0.42
CA ILE B 207 28.46 11.35 0.27
C ILE B 207 27.21 10.53 -0.05
N ASP B 208 26.31 10.41 0.94
CA ASP B 208 25.13 9.56 0.81
C ASP B 208 23.94 10.03 1.67
N LYS B 209 22.81 9.39 1.49
CA LYS B 209 21.64 9.57 2.30
C LYS B 209 20.96 8.22 2.30
N THR B 210 20.99 7.55 3.44
CA THR B 210 20.42 6.20 3.63
C THR B 210 18.90 6.26 3.78
N GLY B 211 18.28 5.09 3.70
CA GLY B 211 16.86 4.93 3.96
C GLY B 211 16.61 3.56 4.52
N THR B 212 15.71 3.48 5.51
CA THR B 212 15.34 2.20 6.14
C THR B 212 13.87 2.17 6.56
N GLY B 213 13.22 1.02 6.42
CA GLY B 213 11.84 0.88 6.87
C GLY B 213 11.37 -0.56 7.01
N ASP B 214 10.04 -0.71 7.07
CA ASP B 214 9.41 -2.00 7.24
C ASP B 214 9.63 -2.93 6.05
N TYR B 215 9.32 -4.21 6.24
CA TYR B 215 9.57 -5.28 5.25
C TYR B 215 11.05 -5.36 4.82
N GLY B 216 11.94 -5.08 5.76
CA GLY B 216 13.38 -5.14 5.54
C GLY B 216 13.93 -4.13 4.57
N ARG B 217 13.39 -2.91 4.62
CA ARG B 217 13.81 -1.85 3.71
C ARG B 217 15.16 -1.25 4.12
N ALA B 218 16.11 -1.30 3.20
CA ALA B 218 17.37 -0.61 3.35
C ALA B 218 17.76 -0.04 2.01
N ASN B 219 17.99 1.26 2.01
CA ASN B 219 18.30 2.05 0.82
C ASN B 219 19.52 2.91 1.14
N ASP B 220 20.44 3.01 0.19
CA ASP B 220 21.42 4.07 0.24
C ASP B 220 21.57 4.67 -1.13
N ILE B 221 21.55 6.01 -1.19
CA ILE B 221 21.90 6.73 -2.43
C ILE B 221 23.13 7.57 -2.22
N ALA B 222 24.05 7.49 -3.17
CA ALA B 222 25.32 8.17 -3.01
C ALA B 222 25.92 8.67 -4.29
N VAL B 223 26.74 9.71 -4.10
CA VAL B 223 27.60 10.25 -5.10
C VAL B 223 28.99 9.98 -4.57
N VAL B 224 29.77 9.22 -5.36
CA VAL B 224 31.17 8.93 -5.06
C VAL B 224 32.07 9.69 -6.02
N TRP B 225 33.36 9.71 -5.70
CA TRP B 225 34.41 10.33 -6.53
C TRP B 225 35.63 9.45 -6.47
N SER B 226 36.18 9.08 -7.63
CA SER B 226 37.46 8.36 -7.70
C SER B 226 38.57 9.15 -7.01
N PRO B 227 39.77 8.53 -6.83
CA PRO B 227 40.89 9.27 -6.22
C PRO B 227 41.40 10.42 -7.08
N THR B 228 41.19 10.31 -8.40
CA THR B 228 41.50 11.37 -9.35
C THR B 228 40.32 12.36 -9.57
N GLY B 229 39.22 12.24 -8.83
CA GLY B 229 38.08 13.16 -8.92
C GLY B 229 36.94 12.79 -9.84
N VAL B 230 37.00 11.64 -10.53
CA VAL B 230 35.98 11.22 -11.51
C VAL B 230 34.70 10.75 -10.81
N PRO B 231 33.59 11.55 -10.89
CA PRO B 231 32.41 11.19 -10.11
C PRO B 231 31.50 10.14 -10.75
N TYR B 232 30.86 9.37 -9.88
CA TYR B 232 29.81 8.45 -10.26
C TYR B 232 28.66 8.52 -9.26
N VAL B 233 27.50 8.07 -9.66
CA VAL B 233 26.35 8.12 -8.77
C VAL B 233 25.84 6.70 -8.56
N VAL B 234 25.59 6.36 -7.30
CA VAL B 234 25.16 5.02 -6.91
C VAL B 234 23.87 5.11 -6.12
N ALA B 235 22.90 4.36 -6.58
CA ALA B 235 21.70 4.11 -5.82
C ALA B 235 21.59 2.59 -5.64
N VAL B 236 21.46 2.16 -4.39
CA VAL B 236 21.19 0.76 -4.09
C VAL B 236 19.96 0.71 -3.19
N MET B 237 19.05 -0.19 -3.57
CA MET B 237 17.73 -0.28 -2.93
C MET B 237 17.38 -1.72 -2.65
N SER B 238 16.85 -1.98 -1.45
CA SER B 238 16.51 -3.34 -1.02
C SER B 238 15.32 -3.48 -0.08
N ASP B 239 14.57 -4.56 -0.27
CA ASP B 239 13.62 -5.02 0.74
C ASP B 239 13.68 -6.55 0.96
N ARG B 240 13.42 -6.96 2.20
CA ARG B 240 13.42 -8.37 2.62
C ARG B 240 12.01 -8.74 3.02
N ALA B 241 11.13 -8.73 2.02
CA ALA B 241 9.67 -8.79 2.24
C ALA B 241 9.15 -10.11 2.84
N GLY B 242 9.78 -11.24 2.49
CA GLY B 242 9.44 -12.56 3.03
C GLY B 242 9.18 -12.63 4.54
N GLY B 243 9.94 -11.85 5.34
CA GLY B 243 9.80 -11.82 6.81
C GLY B 243 8.70 -10.95 7.40
N GLY B 244 7.94 -10.25 6.53
CA GLY B 244 6.81 -9.43 6.96
C GLY B 244 7.19 -8.05 7.46
N TYR B 245 6.21 -7.30 7.93
CA TYR B 245 6.41 -5.93 8.40
C TYR B 245 7.65 -5.66 9.22
N ASP B 246 8.00 -6.57 10.09
CA ASP B 246 9.14 -6.32 10.97
C ASP B 246 10.44 -7.03 10.53
N ALA B 247 10.50 -7.49 9.28
CA ALA B 247 11.63 -8.31 8.77
C ALA B 247 12.90 -7.54 8.86
N GLU B 248 13.99 -8.26 9.06
CA GLU B 248 15.32 -7.67 9.31
C GLU B 248 15.85 -6.95 8.07
N PRO B 249 16.27 -5.67 8.22
CA PRO B 249 16.94 -5.01 7.11
C PRO B 249 18.41 -5.42 7.04
N ARG B 250 18.98 -5.59 5.85
CA ARG B 250 20.37 -6.08 5.69
C ARG B 250 21.33 -5.05 5.10
N GLU B 251 21.94 -4.23 5.97
CA GLU B 251 22.91 -3.24 5.55
C GLU B 251 24.05 -3.86 4.81
N ALA B 252 24.33 -5.15 5.07
CA ALA B 252 25.45 -5.88 4.46
C ALA B 252 25.28 -6.18 2.98
N LEU B 253 24.01 -6.31 2.57
CA LEU B 253 23.61 -6.37 1.15
C LEU B 253 24.04 -5.14 0.35
N LEU B 254 23.86 -3.95 0.93
CA LEU B 254 24.18 -2.67 0.30
C LEU B 254 25.69 -2.45 0.21
N ALA B 255 26.42 -2.81 1.25
CA ALA B 255 27.89 -2.82 1.18
C ALA B 255 28.36 -3.78 0.08
N GLU B 256 27.68 -4.91 -0.05
CA GLU B 256 28.02 -5.95 -1.08
C GLU B 256 27.74 -5.54 -2.55
N ALA B 257 26.57 -4.95 -2.80
CA ALA B 257 26.28 -4.36 -4.12
C ALA B 257 27.21 -3.16 -4.47
N ALA B 258 27.47 -2.30 -3.47
CA ALA B 258 28.44 -1.19 -3.61
C ALA B 258 29.85 -1.70 -3.95
N THR B 259 30.19 -2.88 -3.43
CA THR B 259 31.45 -3.54 -3.74
C THR B 259 31.51 -4.06 -5.18
N CYS B 260 30.43 -4.62 -5.71
CA CYS B 260 30.41 -5.03 -7.11
C CYS B 260 30.59 -3.84 -8.02
N VAL B 261 29.89 -2.75 -7.65
CA VAL B 261 29.90 -1.47 -8.36
C VAL B 261 31.32 -0.96 -8.31
N ALA B 262 31.81 -0.68 -7.09
CA ALA B 262 33.18 -0.22 -6.90
C ALA B 262 34.13 -1.09 -7.75
N GLY B 263 33.92 -2.40 -7.72
CA GLY B 263 34.70 -3.36 -8.51
C GLY B 263 34.66 -3.12 -10.00
N VAL B 264 33.49 -2.79 -10.54
CA VAL B 264 33.36 -2.42 -11.95
C VAL B 264 34.02 -1.04 -12.22
N LEU B 265 33.67 -0.06 -11.38
CA LEU B 265 34.07 1.34 -11.59
C LEU B 265 35.58 1.60 -11.45
N ALA B 266 36.27 0.82 -10.63
CA ALA B 266 37.66 1.09 -10.25
C ALA B 266 38.69 0.32 -11.04
N LEU B 267 38.42 -0.97 -11.27
CA LEU B 267 39.37 -1.85 -11.94
C LEU B 267 39.48 -1.47 -13.41
N GLU B 268 40.72 -1.16 -13.83
CA GLU B 268 40.98 -0.52 -15.10
C GLU B 268 41.26 -1.60 -16.16
C1 FK2 C . -25.91 -14.58 -4.05
C2 FK2 C . -27.38 -14.55 -3.65
O1 FK2 C . -28.26 -14.37 -4.49
C FK2 C . -25.03 -13.54 -3.36
O FK2 C . -25.25 -13.29 -2.19
C ACT D . -25.05 -10.20 -5.06
O ACT D . -25.36 -10.02 -3.89
OXT ACT D . -23.86 -10.29 -5.40
CH3 ACT D . -26.13 -10.30 -6.10
C ACT E . -11.69 -23.48 -20.86
O ACT E . -11.57 -23.04 -19.69
OXT ACT E . -11.07 -22.97 -21.81
CH3 ACT E . -12.57 -24.65 -21.14
C ACT F . -7.43 -11.55 -14.71
O ACT F . -8.16 -12.55 -14.88
OXT ACT F . -7.81 -10.57 -13.99
CH3 ACT F . -6.07 -11.51 -15.39
C1 FK2 G . 12.70 6.66 8.63
C2 FK2 G . 12.55 5.22 9.10
O1 FK2 G . 13.28 4.74 9.96
C FK2 G . 13.99 6.91 7.88
O FK2 G . 14.35 6.05 7.07
C ACT H . 34.04 16.99 1.50
O ACT H . 33.26 16.90 0.54
OXT ACT H . 34.06 18.01 2.20
CH3 ACT H . 34.99 15.86 1.84
C ACT I . 18.01 5.54 7.82
O ACT I . 17.14 6.19 8.43
OXT ACT I . 18.38 5.84 6.66
CH3 ACT I . 18.62 4.37 8.50
#